data_7AVZ
#
_entry.id   7AVZ
#
_cell.length_a   92.640
_cell.length_b   93.320
_cell.length_c   71.690
_cell.angle_alpha   90.000
_cell.angle_beta   90.000
_cell.angle_gamma   90.000
#
_symmetry.space_group_name_H-M   'C 2 2 21'
#
loop_
_entity.id
_entity.type
_entity.pdbx_description
1 polymer 'Tyrosine-protein kinase Mer'
2 non-polymer (R)-N2-(4-(cyclopropylmethoxy)-3,5-difluorophenyl)-5-(3-methylpiperazin-1-yl)-N4-(tetrahydro-2H-pyran-4-yl)pyrimidine-2,4-diamine
3 water water
#
_entity_poly.entity_id   1
_entity_poly.type   'polypeptide(L)'
_entity_poly.pdbx_seq_one_letter_code
;GSHMEELQNKLEDVVIDRNLLILGRILGEGEFGSVMEGNLKQEDGTSLKVAVKTMKLDNSSQREIEEFLSEAACMKDFSH
PNVIRLLGVCIEMSSQGIPKPMVILPFMKYGDLHTYLLYSRLETGPRHIPLQTLLRFMVDIALGMEYLSNRNFLHRDLAA
RNCMLRDDMTVCVADFGLSKKIYSGDYYRQGRIAKMPVKWIAIESLADRVYTSKSDVWAFGVTMWEIATRGMTPYPGVQN
HEMYDYLLHGHRLKQPEDCLDELYEIMYSCWRTDPLDRPTFSVLRLQLERLLESLPDV
;
_entity_poly.pdbx_strand_id   A
#
# COMPACT_ATOMS: atom_id res chain seq x y z
N SER A 2 19.21 6.21 22.67
CA SER A 2 19.12 4.75 22.76
C SER A 2 17.87 4.22 22.04
N HIS A 3 17.74 2.88 21.92
CA HIS A 3 16.58 2.23 21.30
C HIS A 3 15.30 2.61 22.04
N MET A 4 15.35 2.60 23.39
CA MET A 4 14.24 2.98 24.26
C MET A 4 13.89 4.47 24.04
N GLU A 5 14.92 5.35 24.06
CA GLU A 5 14.82 6.79 23.87
C GLU A 5 14.10 7.14 22.57
N GLU A 6 14.53 6.52 21.44
CA GLU A 6 13.94 6.71 20.12
C GLU A 6 12.46 6.30 20.08
N LEU A 7 12.10 5.20 20.79
CA LEU A 7 10.71 4.72 20.87
C LEU A 7 9.86 5.68 21.71
N GLN A 8 10.41 6.20 22.85
CA GLN A 8 9.69 7.15 23.71
C GLN A 8 9.42 8.48 23.00
N ASN A 9 10.31 8.86 22.05
CA ASN A 9 10.18 10.07 21.24
C ASN A 9 9.02 9.91 20.27
N LYS A 10 9.08 8.86 19.42
CA LYS A 10 8.05 8.51 18.43
C LYS A 10 6.66 8.39 19.08
N LEU A 11 6.58 7.79 20.29
CA LEU A 11 5.36 7.59 21.07
C LEU A 11 4.69 8.90 21.50
N GLU A 12 5.50 9.89 21.91
CA GLU A 12 5.05 11.22 22.35
C GLU A 12 4.33 12.01 21.25
N ASP A 13 4.79 11.87 19.99
CA ASP A 13 4.26 12.60 18.83
C ASP A 13 3.01 12.01 18.15
N VAL A 14 2.72 10.72 18.34
CA VAL A 14 1.65 10.02 17.62
C VAL A 14 0.22 10.35 18.11
N VAL A 15 0.00 10.56 19.40
CA VAL A 15 -1.35 10.78 19.94
C VAL A 15 -1.91 12.19 19.61
N ILE A 16 -3.19 12.23 19.21
CA ILE A 16 -3.96 13.45 18.93
C ILE A 16 -5.12 13.52 19.93
N ASP A 17 -5.39 14.70 20.54
CA ASP A 17 -6.53 14.84 21.45
C ASP A 17 -7.83 14.64 20.67
N ARG A 18 -8.75 13.82 21.20
CA ARG A 18 -10.05 13.49 20.60
C ARG A 18 -10.90 14.73 20.26
N ASN A 19 -10.85 15.76 21.13
CA ASN A 19 -11.58 17.02 20.97
C ASN A 19 -11.07 17.89 19.79
N LEU A 20 -9.86 17.60 19.24
CA LEU A 20 -9.30 18.32 18.11
C LEU A 20 -9.77 17.70 16.79
N LEU A 21 -10.66 16.71 16.89
CA LEU A 21 -11.19 15.95 15.77
C LEU A 21 -12.72 15.91 15.71
N ILE A 22 -13.27 16.07 14.49
CA ILE A 22 -14.71 15.98 14.21
C ILE A 22 -14.89 14.82 13.24
N LEU A 23 -15.72 13.83 13.59
CA LEU A 23 -15.99 12.68 12.70
C LEU A 23 -17.18 13.01 11.84
N GLY A 24 -17.08 12.76 10.54
CA GLY A 24 -18.17 13.03 9.61
C GLY A 24 -18.84 11.79 9.04
N ARG A 25 -19.07 11.82 7.72
CA ARG A 25 -19.71 10.76 6.93
C ARG A 25 -18.81 9.54 6.75
N ILE A 26 -19.43 8.35 6.60
CA ILE A 26 -18.71 7.08 6.39
C ILE A 26 -18.31 6.94 4.91
N LEU A 27 -17.02 6.74 4.66
CA LEU A 27 -16.46 6.56 3.31
C LEU A 27 -16.37 5.07 2.91
N GLY A 28 -16.29 4.19 3.91
CA GLY A 28 -16.20 2.75 3.73
C GLY A 28 -16.34 1.99 5.03
N GLU A 29 -16.88 0.76 4.96
CA GLU A 29 -17.07 -0.12 6.12
C GLU A 29 -16.49 -1.50 5.85
N GLY A 30 -15.32 -1.76 6.42
CA GLY A 30 -14.60 -3.03 6.29
C GLY A 30 -15.08 -4.08 7.28
N GLU A 31 -14.44 -5.28 7.23
CA GLU A 31 -14.77 -6.43 8.08
C GLU A 31 -14.51 -6.14 9.58
N PHE A 32 -13.39 -5.47 9.89
CA PHE A 32 -13.00 -5.13 11.25
C PHE A 32 -12.66 -3.62 11.39
N GLY A 33 -13.50 -2.77 10.81
CA GLY A 33 -13.30 -1.33 10.86
C GLY A 33 -14.11 -0.49 9.88
N SER A 34 -13.95 0.84 9.99
CA SER A 34 -14.64 1.81 9.16
C SER A 34 -13.73 2.99 8.84
N VAL A 35 -13.93 3.60 7.67
CA VAL A 35 -13.21 4.80 7.24
C VAL A 35 -14.23 5.93 7.17
N MET A 36 -13.95 7.04 7.85
CA MET A 36 -14.82 8.22 7.93
C MET A 36 -14.08 9.47 7.51
N GLU A 37 -14.78 10.42 6.88
CA GLU A 37 -14.17 11.70 6.56
C GLU A 37 -14.16 12.48 7.89
N GLY A 38 -13.19 13.35 8.08
CA GLY A 38 -13.10 14.11 9.32
C GLY A 38 -12.40 15.45 9.20
N ASN A 39 -12.50 16.26 10.27
CA ASN A 39 -11.82 17.55 10.39
C ASN A 39 -10.84 17.48 11.55
N LEU A 40 -9.60 17.90 11.32
CA LEU A 40 -8.58 17.97 12.37
C LEU A 40 -8.16 19.42 12.62
N LYS A 41 -8.26 19.88 13.88
CA LYS A 41 -7.83 21.23 14.26
C LYS A 41 -6.32 21.20 14.45
N GLN A 42 -5.59 22.05 13.71
CA GLN A 42 -4.12 22.07 13.80
C GLN A 42 -3.64 23.12 14.82
N GLU A 43 -2.35 23.06 15.21
CA GLU A 43 -1.73 23.96 16.19
C GLU A 43 -1.66 25.44 15.72
N ASP A 44 -2.00 25.72 14.44
CA ASP A 44 -2.03 27.07 13.87
C ASP A 44 -3.44 27.66 13.84
N GLY A 45 -4.39 26.97 14.49
CA GLY A 45 -5.79 27.38 14.56
C GLY A 45 -6.69 26.93 13.44
N THR A 46 -6.12 26.53 12.28
CA THR A 46 -6.91 26.11 11.12
C THR A 46 -7.24 24.63 11.17
N SER A 47 -8.36 24.25 10.52
CA SER A 47 -8.80 22.86 10.42
C SER A 47 -8.40 22.27 9.07
N LEU A 48 -8.02 20.99 9.08
CA LEU A 48 -7.60 20.25 7.91
C LEU A 48 -8.55 19.05 7.67
N LYS A 49 -8.91 18.82 6.40
CA LYS A 49 -9.72 17.64 6.06
C LYS A 49 -8.85 16.40 6.19
N VAL A 50 -9.33 15.39 6.94
CA VAL A 50 -8.63 14.12 7.17
C VAL A 50 -9.57 12.93 6.91
N ALA A 51 -9.00 11.72 6.93
CA ALA A 51 -9.71 10.44 6.85
C ALA A 51 -9.40 9.74 8.17
N VAL A 52 -10.41 9.18 8.82
CA VAL A 52 -10.25 8.49 10.09
C VAL A 52 -10.61 7.01 9.90
N LYS A 53 -9.66 6.11 10.19
CA LYS A 53 -9.84 4.67 10.10
C LYS A 53 -9.97 4.15 11.52
N THR A 54 -11.13 3.54 11.85
CA THR A 54 -11.42 3.01 13.19
C THR A 54 -11.19 1.51 13.26
N MET A 55 -10.73 1.02 14.44
CA MET A 55 -10.46 -0.41 14.70
C MET A 55 -11.02 -0.84 16.05
N SER A 61 -7.33 -5.84 27.18
CA SER A 61 -6.78 -5.76 25.82
C SER A 61 -5.67 -4.69 25.70
N GLN A 62 -5.09 -4.26 26.86
CA GLN A 62 -4.05 -3.24 27.00
C GLN A 62 -2.81 -3.49 26.13
N ARG A 63 -2.41 -4.78 25.97
CA ARG A 63 -1.27 -5.20 25.16
C ARG A 63 -1.49 -4.86 23.69
N GLU A 64 -2.69 -5.19 23.15
CA GLU A 64 -3.09 -4.93 21.77
C GLU A 64 -3.12 -3.43 21.46
N ILE A 65 -3.53 -2.59 22.44
CA ILE A 65 -3.57 -1.13 22.31
C ILE A 65 -2.14 -0.60 22.29
N GLU A 66 -1.28 -1.11 23.21
CA GLU A 66 0.12 -0.71 23.33
C GLU A 66 0.90 -1.07 22.08
N GLU A 67 0.60 -2.25 21.48
CA GLU A 67 1.17 -2.74 20.22
C GLU A 67 0.73 -1.84 19.10
N PHE A 68 -0.57 -1.44 19.10
CA PHE A 68 -1.14 -0.53 18.11
C PHE A 68 -0.43 0.83 18.17
N LEU A 69 -0.28 1.40 19.39
CA LEU A 69 0.40 2.67 19.65
C LEU A 69 1.87 2.64 19.18
N SER A 70 2.59 1.54 19.52
CA SER A 70 3.98 1.33 19.09
C SER A 70 4.07 1.29 17.55
N GLU A 71 3.18 0.51 16.89
CA GLU A 71 3.11 0.37 15.42
C GLU A 71 2.80 1.70 14.76
N ALA A 72 1.79 2.42 15.28
CA ALA A 72 1.39 3.73 14.76
C ALA A 72 2.51 4.74 14.87
N ALA A 73 3.24 4.74 15.99
CA ALA A 73 4.38 5.63 16.25
C ALA A 73 5.51 5.40 15.24
N CYS A 74 5.71 4.13 14.80
CA CYS A 74 6.71 3.76 13.80
C CYS A 74 6.27 4.30 12.44
N MET A 75 4.99 4.09 12.07
CA MET A 75 4.41 4.55 10.81
C MET A 75 4.42 6.07 10.65
N LYS A 76 4.14 6.83 11.74
CA LYS A 76 4.17 8.30 11.71
C LYS A 76 5.60 8.83 11.42
N ASP A 77 6.62 8.05 11.78
CA ASP A 77 8.04 8.38 11.56
C ASP A 77 8.46 8.26 10.08
N PHE A 78 7.64 7.58 9.23
CA PHE A 78 7.95 7.44 7.80
C PHE A 78 7.90 8.80 7.14
N SER A 79 8.96 9.16 6.43
CA SER A 79 9.04 10.47 5.78
C SER A 79 9.56 10.31 4.35
N HIS A 80 8.62 10.06 3.42
CA HIS A 80 8.89 9.86 1.99
C HIS A 80 7.64 10.25 1.21
N PRO A 81 7.77 10.93 0.05
CA PRO A 81 6.57 11.32 -0.73
C PRO A 81 5.78 10.15 -1.30
N ASN A 82 6.35 8.94 -1.33
CA ASN A 82 5.65 7.77 -1.88
C ASN A 82 5.21 6.80 -0.78
N VAL A 83 5.17 7.28 0.47
CA VAL A 83 4.72 6.53 1.62
C VAL A 83 3.66 7.38 2.32
N ILE A 84 2.49 6.79 2.65
CA ILE A 84 1.42 7.52 3.35
C ILE A 84 1.93 8.06 4.69
N ARG A 85 1.65 9.35 4.97
CA ARG A 85 2.08 9.93 6.24
C ARG A 85 0.94 9.88 7.28
N LEU A 86 1.03 8.98 8.26
CA LEU A 86 0.03 8.86 9.31
C LEU A 86 0.10 10.15 10.17
N LEU A 87 -1.02 10.89 10.28
CA LEU A 87 -1.04 12.16 11.00
C LEU A 87 -1.04 11.98 12.52
N GLY A 88 -1.63 10.88 12.99
CA GLY A 88 -1.67 10.56 14.40
C GLY A 88 -2.75 9.56 14.74
N VAL A 89 -2.94 9.28 16.03
CA VAL A 89 -3.94 8.32 16.52
C VAL A 89 -4.75 8.88 17.69
N CYS A 90 -5.97 8.34 17.91
CA CYS A 90 -6.87 8.65 19.01
C CYS A 90 -7.38 7.33 19.54
N ILE A 91 -7.39 7.15 20.87
CA ILE A 91 -8.00 5.96 21.44
C ILE A 91 -9.27 6.43 22.11
N GLU A 92 -10.42 6.09 21.53
CA GLU A 92 -11.74 6.42 22.08
C GLU A 92 -12.17 5.24 22.94
N MET A 93 -13.07 5.46 23.91
CA MET A 93 -13.54 4.38 24.78
C MET A 93 -15.06 4.15 24.61
N SER A 94 -15.47 2.88 24.47
CA SER A 94 -16.88 2.51 24.32
C SER A 94 -17.60 2.39 25.67
N SER A 95 -18.91 2.06 25.64
CA SER A 95 -19.77 1.90 26.82
C SER A 95 -19.36 0.70 27.69
N ILE A 98 -14.51 -0.99 26.37
CA ILE A 98 -13.85 -1.55 25.20
C ILE A 98 -13.17 -0.43 24.38
N PRO A 99 -11.82 -0.45 24.29
CA PRO A 99 -11.12 0.61 23.53
C PRO A 99 -11.35 0.56 22.02
N LYS A 100 -11.47 1.75 21.40
CA LYS A 100 -11.69 1.91 19.97
C LYS A 100 -10.57 2.75 19.35
N PRO A 101 -9.47 2.11 18.89
CA PRO A 101 -8.37 2.89 18.28
C PRO A 101 -8.77 3.50 16.92
N MET A 102 -8.34 4.76 16.70
CA MET A 102 -8.62 5.54 15.49
C MET A 102 -7.31 6.04 14.90
N VAL A 103 -7.10 5.84 13.60
CA VAL A 103 -5.87 6.29 12.94
C VAL A 103 -6.24 7.49 12.03
N ILE A 104 -5.51 8.59 12.16
CA ILE A 104 -5.78 9.83 11.44
C ILE A 104 -4.88 9.87 10.23
N LEU A 105 -5.48 9.98 9.05
CA LEU A 105 -4.75 9.91 7.80
C LEU A 105 -5.07 11.07 6.85
N PRO A 106 -4.21 11.35 5.83
CA PRO A 106 -4.53 12.44 4.89
C PRO A 106 -5.81 12.16 4.09
N PHE A 107 -6.54 13.22 3.73
CA PHE A 107 -7.74 13.09 2.92
C PHE A 107 -7.28 13.17 1.48
N MET A 108 -7.56 12.12 0.70
CA MET A 108 -7.15 12.04 -0.70
C MET A 108 -8.32 11.75 -1.62
N LYS A 109 -8.82 12.84 -2.21
CA LYS A 109 -9.96 12.89 -3.13
C LYS A 109 -9.93 11.81 -4.23
N TYR A 110 -8.73 11.43 -4.74
CA TYR A 110 -8.68 10.42 -5.81
C TYR A 110 -8.80 8.98 -5.31
N GLY A 111 -8.70 8.78 -3.99
CA GLY A 111 -8.87 7.47 -3.36
C GLY A 111 -7.80 6.45 -3.71
N ASP A 112 -8.15 5.16 -3.56
CA ASP A 112 -7.21 4.05 -3.80
C ASP A 112 -6.96 3.81 -5.29
N LEU A 113 -5.76 3.33 -5.62
CA LEU A 113 -5.36 3.08 -7.01
C LEU A 113 -6.24 2.04 -7.73
N HIS A 114 -6.61 0.95 -7.03
CA HIS A 114 -7.40 -0.11 -7.64
C HIS A 114 -8.72 0.42 -8.21
N THR A 115 -9.48 1.17 -7.39
CA THR A 115 -10.76 1.78 -7.79
C THR A 115 -10.54 2.75 -8.95
N TYR A 116 -9.45 3.54 -8.88
CA TYR A 116 -9.09 4.49 -9.93
C TYR A 116 -8.87 3.80 -11.28
N LEU A 117 -8.16 2.64 -11.29
CA LEU A 117 -7.90 1.84 -12.50
C LEU A 117 -9.21 1.36 -13.11
N LEU A 118 -10.13 0.83 -12.28
CA LEU A 118 -11.45 0.35 -12.72
C LEU A 118 -12.31 1.50 -13.28
N TYR A 119 -12.35 2.67 -12.57
CA TYR A 119 -13.11 3.86 -12.99
C TYR A 119 -12.66 4.37 -14.35
N SER A 120 -11.35 4.31 -14.63
CA SER A 120 -10.75 4.75 -15.90
C SER A 120 -11.29 3.98 -17.12
N ARG A 121 -11.89 2.80 -16.88
CA ARG A 121 -12.45 1.95 -17.94
C ARG A 121 -13.92 2.25 -18.20
N LEU A 122 -14.47 3.23 -17.48
CA LEU A 122 -15.87 3.67 -17.61
C LEU A 122 -15.89 5.13 -18.05
N GLU A 123 -16.89 5.52 -18.84
CA GLU A 123 -17.02 6.86 -19.44
C GLU A 123 -17.05 8.04 -18.44
N THR A 124 -17.72 7.90 -17.28
CA THR A 124 -17.84 9.02 -16.32
C THR A 124 -16.64 9.20 -15.39
N GLY A 125 -15.85 8.15 -15.20
CA GLY A 125 -14.66 8.17 -14.35
C GLY A 125 -13.51 8.93 -14.99
N PRO A 126 -12.27 8.83 -14.43
CA PRO A 126 -11.12 9.52 -15.03
C PRO A 126 -10.83 8.99 -16.43
N ARG A 127 -10.18 9.80 -17.29
CA ARG A 127 -9.83 9.44 -18.66
C ARG A 127 -8.98 8.15 -18.77
N HIS A 128 -8.94 7.55 -19.98
CA HIS A 128 -8.14 6.35 -20.28
C HIS A 128 -6.69 6.65 -19.85
N ILE A 129 -6.10 5.78 -19.00
CA ILE A 129 -4.74 5.98 -18.48
C ILE A 129 -3.70 5.59 -19.55
N PRO A 130 -2.86 6.53 -20.03
CA PRO A 130 -1.83 6.13 -21.00
C PRO A 130 -0.71 5.33 -20.33
N LEU A 131 0.06 4.57 -21.13
CA LEU A 131 1.17 3.73 -20.68
C LEU A 131 2.17 4.48 -19.77
N GLN A 132 2.55 5.73 -20.13
CA GLN A 132 3.48 6.56 -19.36
C GLN A 132 3.02 6.80 -17.94
N THR A 133 1.70 6.98 -17.74
CA THR A 133 1.08 7.21 -16.42
C THR A 133 1.03 5.89 -15.62
N LEU A 134 0.70 4.75 -16.27
CA LEU A 134 0.68 3.44 -15.60
C LEU A 134 2.09 3.09 -15.08
N LEU A 135 3.12 3.33 -15.90
CA LEU A 135 4.51 3.09 -15.52
C LEU A 135 4.96 4.04 -14.42
N ARG A 136 4.48 5.29 -14.47
CA ARG A 136 4.78 6.29 -13.43
C ARG A 136 4.16 5.85 -12.09
N PHE A 137 3.01 5.15 -12.13
CA PHE A 137 2.36 4.60 -10.93
C PHE A 137 3.26 3.53 -10.31
N MET A 138 3.87 2.67 -11.16
CA MET A 138 4.76 1.58 -10.73
C MET A 138 6.06 2.14 -10.13
N VAL A 139 6.62 3.22 -10.75
CA VAL A 139 7.82 3.93 -10.29
C VAL A 139 7.60 4.47 -8.87
N ASP A 140 6.45 5.13 -8.64
CA ASP A 140 6.09 5.69 -7.33
C ASP A 140 6.01 4.60 -6.26
N ILE A 141 5.34 3.46 -6.56
CA ILE A 141 5.23 2.34 -5.63
C ILE A 141 6.63 1.76 -5.33
N ALA A 142 7.44 1.54 -6.38
CA ALA A 142 8.83 1.08 -6.24
C ALA A 142 9.63 2.07 -5.36
N LEU A 143 9.42 3.40 -5.55
CA LEU A 143 10.08 4.45 -4.76
C LEU A 143 9.72 4.36 -3.27
N GLY A 144 8.43 4.18 -2.97
CA GLY A 144 7.96 4.03 -1.59
C GLY A 144 8.45 2.74 -0.95
N MET A 145 8.41 1.66 -1.72
CA MET A 145 8.87 0.33 -1.27
C MET A 145 10.37 0.27 -1.06
N GLU A 146 11.15 0.98 -1.90
CA GLU A 146 12.61 1.11 -1.78
C GLU A 146 12.94 1.78 -0.44
N TYR A 147 12.18 2.84 -0.08
CA TYR A 147 12.33 3.57 1.19
C TYR A 147 12.05 2.63 2.39
N LEU A 148 10.93 1.89 2.34
CA LEU A 148 10.50 0.95 3.39
C LEU A 148 11.49 -0.21 3.62
N SER A 149 11.96 -0.86 2.55
CA SER A 149 12.92 -1.97 2.65
C SER A 149 14.26 -1.50 3.19
N ASN A 150 14.69 -0.30 2.80
CA ASN A 150 15.94 0.31 3.25
C ASN A 150 15.91 0.62 4.73
N ARG A 151 14.72 0.90 5.30
CA ARG A 151 14.60 1.12 6.74
C ARG A 151 14.10 -0.17 7.42
N ASN A 152 14.23 -1.31 6.71
CA ASN A 152 13.91 -2.70 7.10
C ASN A 152 12.49 -2.86 7.64
N PHE A 153 11.52 -2.24 6.94
CA PHE A 153 10.12 -2.34 7.30
C PHE A 153 9.38 -3.20 6.28
N LEU A 154 8.68 -4.24 6.76
CA LEU A 154 7.93 -5.15 5.91
C LEU A 154 6.48 -4.67 5.76
N HIS A 155 6.02 -4.51 4.50
CA HIS A 155 4.66 -4.06 4.20
C HIS A 155 3.63 -5.14 4.60
N ARG A 156 3.76 -6.36 4.02
CA ARG A 156 2.94 -7.56 4.23
C ARG A 156 1.58 -7.56 3.49
N ASP A 157 1.08 -6.40 3.02
CA ASP A 157 -0.20 -6.30 2.32
C ASP A 157 -0.14 -5.35 1.09
N LEU A 158 0.93 -5.45 0.29
CA LEU A 158 1.09 -4.62 -0.90
C LEU A 158 0.17 -5.12 -2.02
N ALA A 159 -0.69 -4.21 -2.51
CA ALA A 159 -1.68 -4.44 -3.57
C ALA A 159 -2.15 -3.09 -4.08
N ALA A 160 -2.78 -3.05 -5.26
CA ALA A 160 -3.29 -1.79 -5.81
C ALA A 160 -4.35 -1.14 -4.90
N ARG A 161 -5.14 -1.94 -4.17
CA ARG A 161 -6.19 -1.46 -3.26
C ARG A 161 -5.60 -0.72 -2.04
N ASN A 162 -4.33 -1.03 -1.69
CA ASN A 162 -3.63 -0.41 -0.56
C ASN A 162 -2.64 0.67 -0.99
N CYS A 163 -2.72 1.13 -2.24
CA CYS A 163 -1.92 2.25 -2.73
C CYS A 163 -2.87 3.42 -2.92
N MET A 164 -2.48 4.62 -2.45
CA MET A 164 -3.35 5.79 -2.52
C MET A 164 -2.86 6.81 -3.53
N LEU A 165 -3.78 7.59 -4.11
CA LEU A 165 -3.42 8.64 -5.06
C LEU A 165 -3.56 10.02 -4.45
N ARG A 166 -2.48 10.81 -4.49
CA ARG A 166 -2.45 12.20 -4.00
C ARG A 166 -3.09 13.08 -5.06
N ASP A 167 -3.39 14.35 -4.69
CA ASP A 167 -4.00 15.35 -5.58
C ASP A 167 -3.13 15.70 -6.80
N ASP A 168 -1.79 15.55 -6.70
CA ASP A 168 -0.87 15.81 -7.82
C ASP A 168 -0.62 14.51 -8.65
N MET A 169 -1.38 13.44 -8.36
CA MET A 169 -1.40 12.11 -9.01
C MET A 169 -0.21 11.23 -8.61
N THR A 170 0.53 11.62 -7.54
CA THR A 170 1.62 10.82 -6.98
C THR A 170 0.95 9.64 -6.25
N VAL A 171 1.49 8.43 -6.43
CA VAL A 171 1.00 7.24 -5.76
C VAL A 171 1.82 7.07 -4.49
N CYS A 172 1.20 6.65 -3.41
CA CYS A 172 1.93 6.35 -2.20
C CYS A 172 1.43 5.06 -1.57
N VAL A 173 2.36 4.28 -1.05
CA VAL A 173 2.07 3.01 -0.38
C VAL A 173 1.38 3.25 0.98
N ALA A 174 0.37 2.42 1.30
CA ALA A 174 -0.41 2.55 2.53
C ALA A 174 -0.82 1.18 3.06
N ASP A 175 -1.49 1.15 4.25
CA ASP A 175 -2.04 -0.03 4.94
C ASP A 175 -1.02 -1.17 5.15
N PHE A 176 0.14 -0.82 5.70
CA PHE A 176 1.25 -1.71 6.00
C PHE A 176 0.94 -2.63 7.18
N PRO A 197 -6.08 -12.00 0.25
CA PRO A 197 -4.70 -11.58 -0.03
C PRO A 197 -3.82 -12.69 -0.63
N VAL A 198 -4.35 -13.93 -0.69
CA VAL A 198 -3.70 -15.17 -1.17
C VAL A 198 -2.97 -15.00 -2.52
N LYS A 199 -3.61 -14.32 -3.48
CA LYS A 199 -3.10 -14.10 -4.84
C LYS A 199 -1.99 -13.04 -4.94
N TRP A 200 -1.58 -12.46 -3.80
CA TRP A 200 -0.51 -11.47 -3.68
C TRP A 200 0.68 -12.00 -2.84
N ILE A 201 0.51 -13.18 -2.22
CA ILE A 201 1.49 -13.83 -1.33
C ILE A 201 2.46 -14.74 -2.10
N ALA A 202 3.77 -14.53 -1.89
CA ALA A 202 4.87 -15.28 -2.50
C ALA A 202 4.81 -16.78 -2.23
N ILE A 203 5.33 -17.58 -3.18
CA ILE A 203 5.37 -19.05 -3.17
C ILE A 203 5.91 -19.65 -1.84
N GLU A 204 6.94 -19.02 -1.23
CA GLU A 204 7.56 -19.50 0.02
C GLU A 204 6.79 -19.06 1.27
N SER A 205 6.05 -17.94 1.16
CA SER A 205 5.26 -17.39 2.27
C SER A 205 3.94 -18.14 2.45
N LEU A 206 3.45 -18.81 1.38
CA LEU A 206 2.22 -19.60 1.41
C LEU A 206 2.45 -20.92 2.12
N ALA A 207 3.67 -21.47 1.99
CA ALA A 207 4.06 -22.74 2.60
C ALA A 207 4.68 -22.56 3.99
N ASP A 208 5.97 -22.14 4.05
CA ASP A 208 6.77 -21.99 5.27
C ASP A 208 6.34 -20.86 6.23
N ARG A 209 5.34 -20.03 5.84
CA ARG A 209 4.82 -18.88 6.62
C ARG A 209 5.85 -17.73 6.82
N VAL A 210 7.10 -17.93 6.33
CA VAL A 210 8.22 -16.99 6.39
C VAL A 210 7.97 -15.78 5.45
N TYR A 211 8.41 -14.58 5.84
CA TYR A 211 8.22 -13.36 5.05
C TYR A 211 9.43 -12.43 5.10
N THR A 212 9.96 -12.06 3.92
CA THR A 212 11.09 -11.13 3.75
C THR A 212 10.69 -9.93 2.88
N SER A 213 11.63 -9.04 2.56
CA SER A 213 11.41 -7.90 1.68
C SER A 213 11.27 -8.42 0.24
N LYS A 214 11.78 -9.66 -0.02
CA LYS A 214 11.68 -10.33 -1.30
C LYS A 214 10.26 -10.86 -1.51
N SER A 215 9.51 -11.08 -0.42
CA SER A 215 8.10 -11.48 -0.45
C SER A 215 7.28 -10.24 -0.83
N ASP A 216 7.72 -9.04 -0.36
CA ASP A 216 7.10 -7.75 -0.71
C ASP A 216 7.32 -7.49 -2.22
N VAL A 217 8.52 -7.85 -2.76
CA VAL A 217 8.89 -7.75 -4.18
C VAL A 217 7.90 -8.60 -5.02
N TRP A 218 7.58 -9.84 -4.54
CA TRP A 218 6.61 -10.70 -5.21
C TRP A 218 5.27 -9.97 -5.29
N ALA A 219 4.77 -9.44 -4.14
CA ALA A 219 3.52 -8.68 -4.06
C ALA A 219 3.56 -7.45 -4.98
N PHE A 220 4.75 -6.85 -5.15
CA PHE A 220 4.96 -5.71 -6.03
C PHE A 220 4.75 -6.10 -7.50
N GLY A 221 5.30 -7.25 -7.91
CA GLY A 221 5.12 -7.81 -9.24
C GLY A 221 3.66 -8.02 -9.59
N VAL A 222 2.86 -8.54 -8.62
CA VAL A 222 1.42 -8.74 -8.77
C VAL A 222 0.70 -7.37 -8.90
N THR A 223 1.11 -6.39 -8.07
CA THR A 223 0.58 -5.02 -8.10
C THR A 223 0.87 -4.39 -9.48
N MET A 224 2.10 -4.57 -10.02
CA MET A 224 2.47 -4.09 -11.36
C MET A 224 1.50 -4.70 -12.42
N TRP A 225 1.16 -5.99 -12.26
CA TRP A 225 0.23 -6.71 -13.13
C TRP A 225 -1.18 -6.10 -13.02
N GLU A 226 -1.66 -5.79 -11.79
CA GLU A 226 -2.96 -5.14 -11.57
C GLU A 226 -3.02 -3.81 -12.32
N ILE A 227 -1.93 -3.03 -12.28
CA ILE A 227 -1.82 -1.72 -12.96
C ILE A 227 -1.86 -1.91 -14.48
N ALA A 228 -1.03 -2.83 -15.03
CA ALA A 228 -0.97 -3.14 -16.46
C ALA A 228 -2.29 -3.63 -17.05
N THR A 229 -3.08 -4.41 -16.27
CA THR A 229 -4.39 -4.94 -16.70
C THR A 229 -5.51 -3.95 -16.38
N ARG A 230 -5.16 -2.78 -15.82
CA ARG A 230 -6.12 -1.75 -15.43
C ARG A 230 -7.17 -2.29 -14.42
N GLY A 231 -6.72 -3.08 -13.45
CA GLY A 231 -7.54 -3.52 -12.34
C GLY A 231 -8.10 -4.92 -12.32
N MET A 232 -7.59 -5.81 -13.17
CA MET A 232 -8.06 -7.20 -13.19
C MET A 232 -7.65 -7.91 -11.91
N THR A 233 -8.49 -8.83 -11.46
CA THR A 233 -8.17 -9.70 -10.33
C THR A 233 -7.09 -10.69 -10.83
N PRO A 234 -5.98 -10.87 -10.08
CA PRO A 234 -4.93 -11.79 -10.52
C PRO A 234 -5.40 -13.23 -10.70
N TYR A 235 -4.79 -13.93 -11.67
CA TYR A 235 -5.03 -15.35 -12.01
C TYR A 235 -6.51 -15.66 -12.35
N PRO A 236 -7.08 -15.10 -13.45
CA PRO A 236 -8.47 -15.47 -13.81
C PRO A 236 -8.56 -16.97 -14.12
N GLY A 237 -9.66 -17.59 -13.70
CA GLY A 237 -9.88 -19.02 -13.90
C GLY A 237 -9.16 -19.91 -12.90
N VAL A 238 -8.38 -19.30 -11.98
CA VAL A 238 -7.65 -20.03 -10.95
C VAL A 238 -8.26 -19.65 -9.60
N GLN A 239 -8.77 -20.66 -8.88
CA GLN A 239 -9.40 -20.50 -7.57
C GLN A 239 -8.35 -20.22 -6.51
N ASN A 240 -8.74 -19.53 -5.41
CA ASN A 240 -7.83 -19.18 -4.31
C ASN A 240 -7.27 -20.40 -3.58
N HIS A 241 -8.06 -21.47 -3.45
CA HIS A 241 -7.65 -22.69 -2.77
C HIS A 241 -6.57 -23.48 -3.54
N GLU A 242 -6.49 -23.29 -4.87
CA GLU A 242 -5.53 -24.00 -5.73
C GLU A 242 -4.29 -23.16 -6.11
N MET A 243 -4.07 -22.03 -5.40
CA MET A 243 -2.96 -21.11 -5.67
C MET A 243 -1.57 -21.69 -5.41
N TYR A 244 -1.36 -22.30 -4.23
CA TYR A 244 -0.08 -22.91 -3.84
C TYR A 244 0.40 -23.93 -4.87
N ASP A 245 -0.50 -24.83 -5.30
CA ASP A 245 -0.19 -25.88 -6.28
C ASP A 245 0.07 -25.36 -7.69
N TYR A 246 -0.62 -24.27 -8.08
CA TYR A 246 -0.50 -23.61 -9.38
C TYR A 246 0.91 -23.03 -9.52
N LEU A 247 1.37 -22.31 -8.49
CA LEU A 247 2.69 -21.70 -8.42
C LEU A 247 3.78 -22.78 -8.33
N LEU A 248 3.57 -23.82 -7.48
CA LEU A 248 4.51 -24.95 -7.29
C LEU A 248 4.84 -25.68 -8.59
N HIS A 249 3.93 -25.63 -9.59
CA HIS A 249 4.13 -26.22 -10.91
C HIS A 249 4.77 -25.27 -11.94
N GLY A 250 5.19 -24.09 -11.47
CA GLY A 250 5.86 -23.08 -12.28
C GLY A 250 4.97 -22.08 -13.00
N HIS A 251 3.63 -22.18 -12.83
CA HIS A 251 2.72 -21.24 -13.48
C HIS A 251 2.72 -19.92 -12.77
N ARG A 252 2.71 -18.84 -13.56
CA ARG A 252 2.71 -17.46 -13.06
C ARG A 252 1.66 -16.65 -13.83
N LEU A 253 1.43 -15.39 -13.41
CA LEU A 253 0.50 -14.46 -14.06
C LEU A 253 0.90 -14.29 -15.51
N LYS A 254 -0.06 -14.34 -16.41
CA LYS A 254 0.18 -14.23 -17.85
C LYS A 254 0.44 -12.80 -18.25
N GLN A 255 1.17 -12.58 -19.37
CA GLN A 255 1.44 -11.23 -19.86
C GLN A 255 0.17 -10.53 -20.34
N PRO A 256 -0.14 -9.32 -19.82
CA PRO A 256 -1.34 -8.59 -20.29
C PRO A 256 -1.25 -8.22 -21.77
N GLU A 257 -2.40 -8.09 -22.45
CA GLU A 257 -2.53 -7.85 -23.89
C GLU A 257 -1.59 -6.75 -24.47
N ASP A 258 -1.74 -5.49 -24.09
CA ASP A 258 -0.87 -4.45 -24.69
C ASP A 258 0.30 -4.06 -23.76
N CYS A 259 0.86 -5.05 -23.05
CA CYS A 259 1.99 -4.87 -22.13
C CYS A 259 3.30 -5.06 -22.87
N LEU A 260 4.25 -4.11 -22.70
CA LEU A 260 5.59 -4.19 -23.31
C LEU A 260 6.29 -5.42 -22.77
N ASP A 261 7.07 -6.10 -23.63
CA ASP A 261 7.84 -7.28 -23.24
C ASP A 261 8.83 -6.97 -22.10
N GLU A 262 9.49 -5.78 -22.14
CA GLU A 262 10.47 -5.33 -21.13
C GLU A 262 9.79 -5.14 -19.77
N LEU A 263 8.55 -4.62 -19.77
CA LEU A 263 7.75 -4.42 -18.55
C LEU A 263 7.33 -5.77 -17.97
N TYR A 264 6.94 -6.72 -18.83
CA TYR A 264 6.58 -8.06 -18.38
C TYR A 264 7.77 -8.80 -17.78
N GLU A 265 8.98 -8.58 -18.35
CA GLU A 265 10.21 -9.16 -17.84
C GLU A 265 10.52 -8.65 -16.43
N ILE A 266 10.29 -7.33 -16.18
CA ILE A 266 10.47 -6.71 -14.88
C ILE A 266 9.51 -7.37 -13.85
N MET A 267 8.19 -7.49 -14.18
CA MET A 267 7.24 -8.09 -13.25
C MET A 267 7.46 -9.61 -13.08
N TYR A 268 7.92 -10.31 -14.13
CA TYR A 268 8.20 -11.76 -14.06
C TYR A 268 9.38 -12.05 -13.12
N SER A 269 10.41 -11.17 -13.11
CA SER A 269 11.58 -11.31 -12.22
C SER A 269 11.17 -11.24 -10.73
N CYS A 270 10.00 -10.64 -10.43
CA CYS A 270 9.46 -10.55 -9.08
C CYS A 270 8.96 -11.90 -8.59
N TRP A 271 8.62 -12.84 -9.51
CA TRP A 271 8.03 -14.11 -9.15
C TRP A 271 8.98 -15.31 -9.29
N ARG A 272 10.30 -15.08 -9.25
CA ARG A 272 11.30 -16.15 -9.30
C ARG A 272 11.11 -17.02 -8.05
N THR A 273 11.16 -18.34 -8.21
CA THR A 273 10.93 -19.32 -7.14
C THR A 273 11.80 -19.06 -5.91
N ASP A 274 13.12 -18.90 -6.12
CA ASP A 274 14.09 -18.62 -5.07
C ASP A 274 14.03 -17.12 -4.74
N PRO A 275 13.65 -16.74 -3.49
CA PRO A 275 13.59 -15.30 -3.14
C PRO A 275 14.88 -14.52 -3.37
N LEU A 276 16.04 -15.20 -3.29
CA LEU A 276 17.38 -14.62 -3.47
C LEU A 276 17.64 -14.16 -4.91
N ASP A 277 16.97 -14.78 -5.89
CA ASP A 277 17.12 -14.44 -7.31
C ASP A 277 16.28 -13.24 -7.73
N ARG A 278 15.25 -12.91 -6.92
CA ARG A 278 14.38 -11.76 -7.18
C ARG A 278 15.17 -10.47 -7.00
N PRO A 279 14.96 -9.45 -7.84
CA PRO A 279 15.69 -8.19 -7.65
C PRO A 279 15.19 -7.41 -6.42
N THR A 280 16.01 -6.50 -5.90
CA THR A 280 15.61 -5.64 -4.77
C THR A 280 14.73 -4.52 -5.32
N PHE A 281 14.05 -3.77 -4.45
CA PHE A 281 13.21 -2.66 -4.90
C PHE A 281 14.02 -1.57 -5.58
N SER A 282 15.24 -1.38 -5.12
CA SER A 282 16.19 -0.40 -5.63
C SER A 282 16.56 -0.72 -7.10
N VAL A 283 16.80 -2.01 -7.40
CA VAL A 283 17.11 -2.49 -8.76
C VAL A 283 15.85 -2.33 -9.63
N LEU A 284 14.68 -2.75 -9.11
CA LEU A 284 13.39 -2.65 -9.78
C LEU A 284 13.02 -1.22 -10.13
N ARG A 285 13.23 -0.27 -9.18
CA ARG A 285 12.90 1.14 -9.36
C ARG A 285 13.70 1.74 -10.53
N LEU A 286 15.01 1.45 -10.60
CA LEU A 286 15.84 1.98 -11.68
C LEU A 286 15.46 1.35 -13.03
N GLN A 287 15.15 0.05 -13.05
CA GLN A 287 14.72 -0.64 -14.27
C GLN A 287 13.46 0.04 -14.82
N LEU A 288 12.51 0.38 -13.92
CA LEU A 288 11.25 1.04 -14.24
C LEU A 288 11.44 2.49 -14.72
N GLU A 289 12.28 3.28 -14.04
CA GLU A 289 12.58 4.67 -14.45
C GLU A 289 13.20 4.71 -15.85
N ARG A 290 14.15 3.79 -16.13
CA ARG A 290 14.83 3.68 -17.43
C ARG A 290 13.82 3.39 -18.55
N LEU A 291 12.92 2.39 -18.34
CA LEU A 291 11.88 2.02 -19.30
C LEU A 291 10.93 3.20 -19.55
N LEU A 292 10.54 3.92 -18.49
CA LEU A 292 9.67 5.09 -18.57
C LEU A 292 10.32 6.24 -19.37
N GLU A 293 11.62 6.49 -19.14
CA GLU A 293 12.37 7.53 -19.85
C GLU A 293 12.49 7.21 -21.34
N SER A 294 12.50 5.90 -21.72
CA SER A 294 12.58 5.44 -23.10
C SER A 294 11.26 5.56 -23.88
N LEU A 295 10.14 5.89 -23.20
CA LEU A 295 8.82 6.03 -23.82
C LEU A 295 8.61 7.42 -24.45
N PRO A 296 8.00 7.51 -25.66
CA PRO A 296 7.80 8.83 -26.28
C PRO A 296 6.62 9.60 -25.69
#